data_3FY0
#
_entry.id   3FY0
#
_cell.length_a   53.050
_cell.length_b   102.660
_cell.length_c   122.341
_cell.angle_alpha   90.00
_cell.angle_beta   90.00
_cell.angle_gamma   90.00
#
_symmetry.space_group_name_H-M   'C 2 2 21'
#
loop_
_entity.id
_entity.type
_entity.pdbx_description
1 polymer 'Serine/threonine-protein kinase PAK 1'
2 non-polymer 'Ruthenium pyridocarbazole'
3 water water
#
_entity_poly.entity_id   1
_entity_poly.type   'polypeptide(L)'
_entity_poly.pdbx_seq_one_letter_code
;SDEEILEKLRSIVSVGDPKKKYTRFEKIGQGASGTVYTAMDVATGQEVAIRQMNLQQQPKKELIINEILVMRENKNPNIV
NYLDSYLVGDELWVVMEYLAGGSLTDVVTETCMDEGQIAAVCRECLQALEFLHSNQVIHRDIKSDNILLGMDGSVKLTDF
GFCAQITPEQSKRS(TPO)MVGTPYWMAPEVVTRKAYGPKVDIWSLGIMAIEMIEGEPPYLNENPLRALYLIATNGTPEL
QNPEKLSAIFRDFLNRCLEMDVEKRGSAKELLQHQFLKIAKPLSSLTPLIAAAKEATKNNH
;
_entity_poly.pdbx_strand_id   A
#
loop_
_chem_comp.id
_chem_comp.type
_chem_comp.name
_chem_comp.formula
DW1 non-polymer 'Ruthenium pyridocarbazole' 'C23 H13 N3 O4 Ru'
#
# COMPACT_ATOMS: atom_id res chain seq x y z
N SER A 1 13.62 8.65 22.48
CA SER A 1 14.33 9.91 22.88
C SER A 1 14.84 10.73 21.69
N ASP A 2 14.56 12.04 21.68
CA ASP A 2 14.81 12.91 20.53
C ASP A 2 16.28 13.00 20.10
N GLU A 3 17.21 12.88 21.05
CA GLU A 3 18.62 12.96 20.74
C GLU A 3 19.07 11.78 19.89
N GLU A 4 18.80 10.56 20.38
CA GLU A 4 19.16 9.32 19.69
C GLU A 4 18.41 9.17 18.36
N ILE A 5 17.15 9.60 18.32
CA ILE A 5 16.39 9.69 17.07
C ILE A 5 17.16 10.51 16.03
N LEU A 6 17.56 11.73 16.39
CA LEU A 6 18.28 12.56 15.44
C LEU A 6 19.61 11.93 15.01
N GLU A 7 20.32 11.32 15.94
CA GLU A 7 21.60 10.69 15.63
C GLU A 7 21.42 9.51 14.70
N LYS A 8 20.40 8.69 14.96
CA LYS A 8 20.10 7.56 14.13
C LYS A 8 19.71 7.98 12.70
N LEU A 9 18.90 9.02 12.56
CA LEU A 9 18.49 9.48 11.24
C LEU A 9 19.70 10.08 10.50
N ARG A 10 20.55 10.79 11.24
CA ARG A 10 21.79 11.32 10.69
C ARG A 10 22.65 10.20 10.07
N SER A 11 22.76 9.06 10.75
CA SER A 11 23.46 7.89 10.16
C SER A 11 22.81 7.38 8.85
N ILE A 12 21.49 7.53 8.74
CA ILE A 12 20.70 6.99 7.63
C ILE A 12 20.71 7.92 6.41
N VAL A 13 20.57 9.22 6.67
CA VAL A 13 20.46 10.22 5.61
C VAL A 13 21.73 10.40 4.77
N SER A 14 21.55 10.82 3.51
CA SER A 14 22.64 11.46 2.80
C SER A 14 23.00 12.77 3.50
N VAL A 15 24.26 13.19 3.43
CA VAL A 15 24.65 14.46 4.03
C VAL A 15 24.14 15.69 3.25
N GLY A 16 23.98 16.79 3.99
CA GLY A 16 23.73 18.11 3.40
C GLY A 16 22.27 18.40 3.14
N ASP A 17 22.03 19.24 2.15
CA ASP A 17 20.72 19.74 1.83
C ASP A 17 20.22 19.08 0.52
N PRO A 18 18.93 18.72 0.45
CA PRO A 18 18.38 18.08 -0.78
C PRO A 18 18.37 18.97 -2.04
N LYS A 19 18.34 20.28 -1.85
CA LYS A 19 18.30 21.22 -2.99
C LYS A 19 19.61 21.19 -3.81
N LYS A 20 20.59 20.45 -3.32
CA LYS A 20 21.86 20.27 -4.00
C LYS A 20 21.75 19.19 -5.08
N LYS A 21 20.76 18.30 -4.93
CA LYS A 21 20.56 17.18 -5.84
C LYS A 21 19.23 17.25 -6.62
N TYR A 22 18.30 18.06 -6.14
CA TYR A 22 16.93 18.10 -6.66
C TYR A 22 16.53 19.53 -6.87
N THR A 23 15.85 19.80 -7.98
CA THR A 23 15.70 21.16 -8.46
C THR A 23 14.29 21.69 -8.66
N ARG A 24 13.42 20.91 -9.30
CA ARG A 24 12.12 21.43 -9.75
C ARG A 24 11.03 21.26 -8.70
N PHE A 25 11.21 21.91 -7.55
CA PHE A 25 10.31 21.76 -6.41
C PHE A 25 8.92 22.36 -6.64
N GLU A 26 7.89 21.51 -6.56
CA GLU A 26 6.49 21.91 -6.71
C GLU A 26 5.64 21.19 -5.65
N LYS A 27 5.01 21.95 -4.76
CA LYS A 27 4.19 21.38 -3.69
C LYS A 27 2.97 20.69 -4.25
N ILE A 28 2.64 19.52 -3.71
CA ILE A 28 1.49 18.75 -4.17
C ILE A 28 0.53 18.32 -3.04
N GLY A 29 1.01 18.32 -1.80
CA GLY A 29 0.19 17.92 -0.64
C GLY A 29 0.63 18.63 0.63
N GLN A 30 -0.19 18.54 1.67
CA GLN A 30 -0.01 19.33 2.90
C GLN A 30 -0.31 18.51 4.17
N GLY A 31 0.58 18.65 5.16
CA GLY A 31 0.54 17.81 6.37
C GLY A 31 -0.14 18.43 7.58
N ALA A 32 -0.66 17.63 8.51
CA ALA A 32 -0.53 16.15 8.57
C ALA A 32 0.92 15.70 8.83
N SER A 33 1.32 14.58 8.20
CA SER A 33 2.71 14.09 8.27
C SER A 33 3.70 15.11 7.71
N GLY A 34 3.48 15.58 6.49
CA GLY A 34 4.30 16.64 5.93
C GLY A 34 3.86 17.23 4.61
N THR A 35 4.50 18.34 4.25
CA THR A 35 4.40 18.95 2.93
C THR A 35 5.06 18.03 1.89
N VAL A 36 4.29 17.61 0.89
CA VAL A 36 4.80 16.75 -0.18
C VAL A 36 5.10 17.59 -1.41
N TYR A 37 6.21 17.29 -2.08
CA TYR A 37 6.62 18.01 -3.28
C TYR A 37 6.85 17.01 -4.42
N THR A 38 6.92 17.53 -5.65
CA THR A 38 7.56 16.83 -6.77
C THR A 38 8.88 17.55 -7.05
N ALA A 39 9.82 16.89 -7.71
CA ALA A 39 11.12 17.48 -8.08
C ALA A 39 11.88 16.53 -9.00
N MET A 40 13.03 16.98 -9.51
CA MET A 40 13.83 16.17 -10.42
C MET A 40 15.24 15.95 -9.89
N ASP A 41 15.67 14.69 -9.91
CA ASP A 41 17.05 14.30 -9.68
C ASP A 41 17.84 14.86 -10.87
N VAL A 42 18.63 15.91 -10.63
CA VAL A 42 19.20 16.67 -11.76
C VAL A 42 20.15 15.83 -12.60
N ALA A 43 20.95 15.01 -11.91
CA ALA A 43 21.86 14.06 -12.55
C ALA A 43 21.15 13.19 -13.59
N THR A 44 20.04 12.56 -13.19
CA THR A 44 19.34 11.57 -14.02
C THR A 44 18.08 12.07 -14.74
N GLY A 45 17.47 13.14 -14.23
CA GLY A 45 16.21 13.63 -14.79
C GLY A 45 14.99 12.81 -14.41
N GLN A 46 15.16 11.90 -13.43
CA GLN A 46 14.03 11.17 -12.82
C GLN A 46 13.18 12.14 -12.00
N GLU A 47 11.88 12.16 -12.29
CA GLU A 47 10.91 12.91 -11.48
C GLU A 47 10.67 12.18 -10.14
N VAL A 48 10.70 12.93 -9.03
CA VAL A 48 10.62 12.33 -7.68
C VAL A 48 9.53 12.95 -6.79
N ALA A 49 9.19 12.25 -5.70
CA ALA A 49 8.29 12.76 -4.67
C ALA A 49 9.09 12.96 -3.40
N ILE A 50 9.05 14.14 -2.81
CA ILE A 50 9.77 14.39 -1.55
C ILE A 50 8.84 14.80 -0.40
N ARG A 51 8.98 14.12 0.74
CA ARG A 51 8.22 14.43 1.94
C ARG A 51 9.07 15.32 2.81
N GLN A 52 8.53 16.44 3.24
CA GLN A 52 9.21 17.30 4.19
C GLN A 52 8.52 17.16 5.55
N MET A 53 9.30 16.83 6.58
CA MET A 53 8.78 16.59 7.91
C MET A 53 9.51 17.42 8.94
N ASN A 54 8.75 18.17 9.75
CA ASN A 54 9.29 18.77 10.97
C ASN A 54 9.20 17.72 12.09
N LEU A 55 10.36 17.26 12.53
CA LEU A 55 10.43 16.17 13.51
C LEU A 55 9.90 16.53 14.90
N GLN A 56 10.03 17.80 15.30
CA GLN A 56 9.53 18.28 16.59
C GLN A 56 8.00 18.21 16.70
N GLN A 57 7.33 18.11 15.56
CA GLN A 57 5.88 17.98 15.52
C GLN A 57 5.40 16.60 15.06
N GLN A 58 6.35 15.74 14.70
CA GLN A 58 6.03 14.37 14.29
C GLN A 58 5.90 13.45 15.52
N PRO A 59 4.69 12.89 15.74
CA PRO A 59 4.44 12.12 16.97
C PRO A 59 5.26 10.84 17.13
N LYS A 60 5.42 10.07 16.05
CA LYS A 60 6.03 8.75 16.16
C LYS A 60 7.24 8.52 15.25
N LYS A 61 8.40 9.01 15.70
CA LYS A 61 9.64 9.06 14.91
C LYS A 61 10.30 7.69 14.67
N GLU A 62 10.21 6.81 15.66
CA GLU A 62 10.57 5.40 15.50
C GLU A 62 9.97 4.80 14.21
N LEU A 63 8.79 5.28 13.83
CA LEU A 63 8.11 4.78 12.64
C LEU A 63 8.68 5.26 11.29
N ILE A 64 9.24 6.49 11.24
CA ILE A 64 9.91 6.92 10.02
C ILE A 64 11.24 6.20 9.88
N ILE A 65 11.97 6.05 10.97
CA ILE A 65 13.22 5.30 10.96
C ILE A 65 12.95 3.90 10.43
N ASN A 66 12.00 3.18 11.05
CA ASN A 66 11.58 1.88 10.56
C ASN A 66 11.16 1.94 9.11
N GLU A 67 10.37 2.95 8.71
CA GLU A 67 9.88 2.98 7.33
C GLU A 67 11.04 2.93 6.31
N ILE A 68 12.02 3.82 6.50
CA ILE A 68 13.16 3.97 5.62
C ILE A 68 14.04 2.72 5.62
N LEU A 69 14.38 2.22 6.82
CA LEU A 69 15.20 1.01 6.94
C LEU A 69 14.58 -0.18 6.21
N VAL A 70 13.28 -0.38 6.37
CA VAL A 70 12.62 -1.53 5.72
C VAL A 70 12.61 -1.33 4.21
N MET A 71 12.25 -0.12 3.76
CA MET A 71 12.14 0.13 2.34
C MET A 71 13.49 0.04 1.65
N ARG A 72 14.50 0.62 2.27
CA ARG A 72 15.85 0.63 1.72
C ARG A 72 16.34 -0.80 1.47
N GLU A 73 15.96 -1.71 2.35
CA GLU A 73 16.39 -3.11 2.25
C GLU A 73 15.43 -3.99 1.46
N ASN A 74 14.39 -3.38 0.91
CA ASN A 74 13.30 -4.12 0.27
C ASN A 74 12.81 -3.46 -1.01
N LYS A 75 13.74 -3.08 -1.90
CA LYS A 75 13.37 -2.45 -3.15
C LYS A 75 12.76 -3.47 -4.13
N ASN A 76 11.65 -3.10 -4.75
CA ASN A 76 10.89 -3.96 -5.66
C ASN A 76 10.19 -3.12 -6.73
N PRO A 77 10.16 -3.60 -8.00
CA PRO A 77 9.40 -2.94 -9.09
C PRO A 77 7.92 -2.64 -8.78
N ASN A 78 7.29 -3.44 -7.93
CA ASN A 78 5.88 -3.22 -7.54
C ASN A 78 5.74 -2.52 -6.20
N ILE A 79 6.80 -1.81 -5.81
CA ILE A 79 6.84 -0.95 -4.63
C ILE A 79 7.30 0.45 -5.06
N VAL A 80 6.66 1.48 -4.54
CA VAL A 80 7.13 2.85 -4.77
C VAL A 80 8.38 2.98 -3.90
N ASN A 81 9.56 2.78 -4.48
CA ASN A 81 10.78 2.64 -3.65
C ASN A 81 11.33 3.93 -3.02
N TYR A 82 12.00 3.74 -1.88
CA TYR A 82 12.70 4.79 -1.17
C TYR A 82 13.96 5.07 -1.96
N LEU A 83 14.26 6.34 -2.14
CA LEU A 83 15.41 6.76 -2.96
C LEU A 83 16.56 7.38 -2.18
N ASP A 84 16.26 8.23 -1.20
CA ASP A 84 17.26 9.08 -0.55
C ASP A 84 16.59 9.79 0.61
N SER A 85 17.41 10.40 1.46
CA SER A 85 16.89 11.19 2.56
C SER A 85 17.96 12.16 3.04
N TYR A 86 17.49 13.23 3.67
CA TYR A 86 18.31 14.33 4.13
C TYR A 86 17.73 14.79 5.46
N LEU A 87 18.60 15.16 6.38
CA LEU A 87 18.17 15.72 7.64
C LEU A 87 18.87 17.06 7.72
N VAL A 88 18.09 18.15 7.67
CA VAL A 88 18.62 19.49 7.92
C VAL A 88 18.05 20.03 9.25
N GLY A 89 18.87 20.06 10.30
CA GLY A 89 18.39 20.32 11.65
C GLY A 89 17.30 19.35 12.09
N ASP A 90 16.10 19.88 12.33
CA ASP A 90 14.95 19.09 12.78
C ASP A 90 14.04 18.74 11.58
N GLU A 91 14.55 18.98 10.38
CA GLU A 91 13.76 18.87 9.19
C GLU A 91 14.25 17.70 8.34
N LEU A 92 13.41 16.69 8.22
CA LEU A 92 13.70 15.49 7.49
C LEU A 92 13.06 15.55 6.12
N TRP A 93 13.84 15.20 5.09
CA TRP A 93 13.36 15.00 3.74
C TRP A 93 13.51 13.52 3.37
N VAL A 94 12.45 12.94 2.84
CA VAL A 94 12.45 11.56 2.39
C VAL A 94 12.09 11.61 0.93
N VAL A 95 13.01 11.13 0.09
CA VAL A 95 12.84 11.17 -1.38
C VAL A 95 12.29 9.82 -1.88
N MET A 96 11.20 9.88 -2.64
CA MET A 96 10.54 8.69 -3.14
C MET A 96 10.37 8.76 -4.65
N GLU A 97 10.15 7.59 -5.24
CA GLU A 97 9.72 7.49 -6.61
C GLU A 97 8.35 8.15 -6.70
N TYR A 98 8.10 8.79 -7.83
CA TYR A 98 6.85 9.48 -8.06
C TYR A 98 6.08 8.82 -9.20
N LEU A 99 4.79 8.58 -8.98
CA LEU A 99 3.92 8.01 -10.01
C LEU A 99 2.82 9.00 -10.34
N ALA A 100 2.69 9.34 -11.62
CA ALA A 100 1.88 10.49 -12.02
C ALA A 100 0.40 10.16 -12.20
N GLY A 101 0.07 8.87 -12.17
CA GLY A 101 -1.30 8.42 -12.47
C GLY A 101 -2.24 8.21 -11.31
N GLY A 102 -1.94 8.82 -10.17
CA GLY A 102 -2.78 8.74 -8.97
C GLY A 102 -2.95 7.37 -8.31
N SER A 103 -3.87 7.30 -7.35
CA SER A 103 -4.15 6.10 -6.60
C SER A 103 -5.21 5.25 -7.26
N LEU A 104 -5.25 3.97 -6.90
CA LEU A 104 -6.30 3.04 -7.32
C LEU A 104 -7.68 3.48 -6.86
N THR A 105 -7.74 4.15 -5.70
CA THR A 105 -8.98 4.73 -5.18
C THR A 105 -9.71 5.60 -6.21
N ASP A 106 -8.99 6.50 -6.86
CA ASP A 106 -9.57 7.34 -7.89
C ASP A 106 -10.09 6.49 -9.06
N VAL A 107 -9.34 5.46 -9.45
CA VAL A 107 -9.81 4.59 -10.50
C VAL A 107 -11.11 3.88 -10.09
N VAL A 108 -11.15 3.31 -8.89
CA VAL A 108 -12.33 2.58 -8.45
C VAL A 108 -13.56 3.47 -8.18
N THR A 109 -13.35 4.77 -7.95
CA THR A 109 -14.44 5.69 -7.62
C THR A 109 -14.95 6.44 -8.89
N GLU A 110 -14.15 6.45 -9.95
CA GLU A 110 -14.47 7.25 -11.13
C GLU A 110 -14.69 6.42 -12.36
N THR A 111 -14.25 5.17 -12.32
CA THR A 111 -14.32 4.34 -13.53
C THR A 111 -14.84 2.99 -13.14
N CYS A 112 -15.01 2.12 -14.13
CA CYS A 112 -15.51 0.76 -13.91
C CYS A 112 -14.57 -0.25 -14.56
N MET A 113 -13.78 -0.93 -13.73
CA MET A 113 -12.77 -1.89 -14.19
C MET A 113 -13.41 -3.20 -14.63
N ASP A 114 -12.90 -3.80 -15.69
CA ASP A 114 -13.41 -5.10 -16.08
C ASP A 114 -12.48 -6.11 -15.43
N GLU A 115 -12.82 -7.39 -15.50
CA GLU A 115 -12.13 -8.42 -14.74
C GLU A 115 -10.69 -8.56 -15.16
N GLY A 116 -10.42 -8.34 -16.44
CA GLY A 116 -9.08 -8.45 -16.97
C GLY A 116 -8.16 -7.37 -16.41
N GLN A 117 -8.71 -6.17 -16.18
CA GLN A 117 -7.97 -5.05 -15.57
C GLN A 117 -7.78 -5.26 -14.06
N ILE A 118 -8.81 -5.79 -13.40
CA ILE A 118 -8.71 -6.20 -11.97
C ILE A 118 -7.67 -7.32 -11.76
N ALA A 119 -7.69 -8.33 -12.64
CA ALA A 119 -6.70 -9.41 -12.58
C ALA A 119 -5.25 -8.89 -12.64
N ALA A 120 -5.00 -7.92 -13.53
CA ALA A 120 -3.71 -7.25 -13.64
C ALA A 120 -3.29 -6.54 -12.36
N VAL A 121 -4.17 -5.74 -11.78
CA VAL A 121 -3.88 -5.03 -10.52
C VAL A 121 -3.62 -6.03 -9.36
N CYS A 122 -4.47 -7.06 -9.23
CA CYS A 122 -4.29 -8.09 -8.20
C CYS A 122 -2.97 -8.80 -8.35
N ARG A 123 -2.59 -9.14 -9.59
CA ARG A 123 -1.32 -9.81 -9.82
C ARG A 123 -0.11 -8.97 -9.37
N GLU A 124 -0.06 -7.69 -9.80
CA GLU A 124 1.00 -6.76 -9.41
C GLU A 124 1.07 -6.55 -7.92
N CYS A 125 -0.06 -6.35 -7.26
CA CYS A 125 -0.03 -6.24 -5.80
C CYS A 125 0.46 -7.53 -5.15
N LEU A 126 0.08 -8.67 -5.69
CA LEU A 126 0.51 -9.95 -5.13
C LEU A 126 1.99 -10.22 -5.35
N GLN A 127 2.55 -9.71 -6.46
CA GLN A 127 3.99 -9.79 -6.69
C GLN A 127 4.74 -9.04 -5.61
N ALA A 128 4.21 -7.88 -5.23
CA ALA A 128 4.78 -7.03 -4.18
C ALA A 128 4.63 -7.70 -2.82
N LEU A 129 3.45 -8.28 -2.59
CA LEU A 129 3.19 -8.99 -1.34
C LEU A 129 4.07 -10.21 -1.12
N GLU A 130 4.25 -10.99 -2.16
CA GLU A 130 5.09 -12.17 -2.14
C GLU A 130 6.52 -11.84 -1.78
N PHE A 131 7.05 -10.82 -2.44
CA PHE A 131 8.40 -10.34 -2.18
C PHE A 131 8.55 -9.87 -0.74
N LEU A 132 7.59 -9.07 -0.29
CA LEU A 132 7.60 -8.57 1.08
C LEU A 132 7.52 -9.72 2.09
N HIS A 133 6.52 -10.59 1.90
CA HIS A 133 6.28 -11.72 2.82
C HIS A 133 7.45 -12.68 2.90
N SER A 134 8.15 -12.89 1.79
CA SER A 134 9.33 -13.76 1.79
C SER A 134 10.52 -13.09 2.49
N ASN A 135 10.49 -11.75 2.59
CA ASN A 135 11.47 -11.00 3.35
C ASN A 135 10.98 -10.71 4.76
N GLN A 136 9.91 -11.39 5.16
CA GLN A 136 9.31 -11.21 6.48
C GLN A 136 8.75 -9.83 6.79
N VAL A 137 8.25 -9.15 5.77
CA VAL A 137 7.62 -7.85 5.97
C VAL A 137 6.12 -7.96 5.68
N ILE A 138 5.30 -7.63 6.67
CA ILE A 138 3.86 -7.41 6.48
C ILE A 138 3.59 -5.90 6.33
N HIS A 139 2.96 -5.53 5.22
CA HIS A 139 2.57 -4.13 4.96
C HIS A 139 1.57 -3.59 6.02
N ARG A 140 0.47 -4.34 6.20
CA ARG A 140 -0.54 -4.10 7.23
C ARG A 140 -1.56 -3.01 6.95
N ASP A 141 -1.41 -2.31 5.82
CA ASP A 141 -2.37 -1.31 5.44
C ASP A 141 -2.65 -1.37 3.95
N ILE A 142 -2.91 -2.59 3.45
CA ILE A 142 -3.26 -2.77 2.06
C ILE A 142 -4.67 -2.20 1.83
N LYS A 143 -4.75 -1.16 0.99
CA LYS A 143 -6.02 -0.57 0.53
C LYS A 143 -5.72 0.23 -0.72
N SER A 144 -6.77 0.57 -1.47
CA SER A 144 -6.65 1.18 -2.79
C SER A 144 -5.92 2.52 -2.74
N ASP A 145 -6.11 3.29 -1.67
CA ASP A 145 -5.33 4.53 -1.42
C ASP A 145 -3.84 4.27 -1.33
N ASN A 146 -3.47 3.02 -1.08
CA ASN A 146 -2.04 2.69 -0.94
C ASN A 146 -1.44 2.06 -2.18
N ILE A 147 -2.22 2.04 -3.26
CA ILE A 147 -1.73 1.60 -4.55
C ILE A 147 -1.58 2.83 -5.44
N LEU A 148 -0.37 3.07 -5.91
CA LEU A 148 -0.16 4.16 -6.86
C LEU A 148 0.06 3.62 -8.25
N LEU A 149 -0.42 4.37 -9.24
CA LEU A 149 -0.43 3.94 -10.61
C LEU A 149 0.43 4.87 -11.43
N GLY A 150 1.19 4.29 -12.35
CA GLY A 150 1.95 5.08 -13.28
C GLY A 150 1.03 5.42 -14.43
N MET A 151 1.38 6.44 -15.20
CA MET A 151 0.60 6.79 -16.38
C MET A 151 0.57 5.63 -17.39
N ASP A 152 1.54 4.72 -17.28
CA ASP A 152 1.68 3.56 -18.16
C ASP A 152 0.96 2.31 -17.63
N GLY A 153 0.19 2.48 -16.55
CA GLY A 153 -0.54 1.35 -15.97
C GLY A 153 0.23 0.52 -14.96
N SER A 154 1.45 0.96 -14.63
CA SER A 154 2.25 0.38 -13.54
C SER A 154 1.46 0.44 -12.25
N VAL A 155 1.70 -0.54 -11.39
CA VAL A 155 0.99 -0.71 -10.13
C VAL A 155 2.00 -0.91 -9.00
N LYS A 156 1.94 -0.04 -8.02
CA LYS A 156 2.93 -0.03 -6.93
C LYS A 156 2.31 0.18 -5.57
N LEU A 157 2.85 -0.55 -4.63
CA LEU A 157 2.47 -0.46 -3.26
C LEU A 157 3.22 0.71 -2.64
N THR A 158 2.52 1.48 -1.82
CA THR A 158 3.15 2.54 -1.08
C THR A 158 2.67 2.56 0.37
N ASP A 159 3.00 3.67 1.03
CA ASP A 159 2.83 3.90 2.47
C ASP A 159 3.21 2.70 3.33
N PHE A 160 4.50 2.62 3.62
CA PHE A 160 5.04 1.59 4.48
C PHE A 160 5.20 2.08 5.93
N GLY A 161 4.46 3.15 6.26
CA GLY A 161 4.42 3.72 7.62
C GLY A 161 3.84 2.83 8.71
N PHE A 162 3.23 1.70 8.33
CA PHE A 162 2.59 0.79 9.29
C PHE A 162 3.12 -0.65 9.24
N CYS A 163 4.19 -0.87 8.47
CA CYS A 163 4.70 -2.21 8.19
C CYS A 163 5.37 -2.91 9.40
N ALA A 164 5.32 -4.24 9.41
CA ALA A 164 5.99 -5.03 10.44
C ALA A 164 7.08 -5.94 9.87
N GLN A 165 8.26 -5.91 10.49
CA GLN A 165 9.28 -6.92 10.25
C GLN A 165 9.13 -8.00 11.29
N ILE A 166 8.72 -9.18 10.85
CA ILE A 166 8.63 -10.35 11.70
C ILE A 166 9.95 -11.16 11.69
N THR A 167 10.07 -12.10 12.61
CA THR A 167 11.24 -12.97 12.69
C THR A 167 10.76 -14.41 12.82
N PRO A 168 11.66 -15.40 12.61
CA PRO A 168 11.29 -16.78 12.93
C PRO A 168 10.97 -16.97 14.43
N GLU A 169 11.39 -16.02 15.25
CA GLU A 169 11.15 -16.01 16.70
C GLU A 169 9.82 -15.33 17.09
N GLN A 170 9.50 -14.21 16.44
CA GLN A 170 8.18 -13.56 16.57
C GLN A 170 7.53 -13.33 15.20
N SER A 171 6.94 -14.40 14.68
CA SER A 171 6.38 -14.46 13.34
C SER A 171 4.96 -13.93 13.28
N LYS A 172 4.45 -13.49 14.42
CA LYS A 172 3.09 -12.96 14.54
C LYS A 172 3.07 -11.63 15.25
N ARG A 173 2.09 -10.79 14.89
CA ARG A 173 1.91 -9.48 15.50
C ARG A 173 0.51 -9.34 16.11
N SER A 174 0.29 -8.26 16.89
CA SER A 174 -0.99 -8.06 17.58
C SER A 174 -1.54 -6.65 17.39
N TPO A 175 -0.64 -5.70 17.16
CA TPO A 175 -1.00 -4.30 17.02
CB TPO A 175 0.23 -3.41 16.79
CG2 TPO A 175 -0.07 -2.01 17.26
OG1 TPO A 175 1.34 -3.94 17.51
P TPO A 175 2.68 -4.47 16.78
O1P TPO A 175 3.12 -3.30 15.92
O2P TPO A 175 3.61 -4.82 17.93
O3P TPO A 175 2.26 -5.68 16.01
C TPO A 175 -2.00 -4.07 15.92
O TPO A 175 -1.80 -4.49 14.76
N MET A 176 -3.07 -3.37 16.29
CA MET A 176 -4.11 -2.96 15.37
C MET A 176 -3.73 -1.66 14.65
N VAL A 177 -2.98 -1.77 13.56
CA VAL A 177 -2.50 -0.57 12.86
C VAL A 177 -3.25 -0.29 11.55
N GLY A 178 -3.91 -1.30 10.99
CA GLY A 178 -4.55 -1.16 9.69
C GLY A 178 -5.78 -0.27 9.67
N THR A 179 -6.23 0.08 8.47
CA THR A 179 -7.51 0.77 8.30
C THR A 179 -8.65 -0.23 8.52
N PRO A 180 -9.59 0.09 9.41
CA PRO A 180 -10.66 -0.80 9.81
C PRO A 180 -11.35 -1.62 8.73
N TYR A 181 -11.76 -1.00 7.62
CA TYR A 181 -12.61 -1.65 6.61
C TYR A 181 -11.85 -2.74 5.85
N TRP A 182 -10.53 -2.62 5.85
CA TRP A 182 -9.66 -3.57 5.17
C TRP A 182 -9.05 -4.64 6.10
N MET A 183 -9.25 -4.49 7.41
CA MET A 183 -8.65 -5.36 8.41
C MET A 183 -9.20 -6.78 8.39
N ALA A 184 -8.28 -7.74 8.46
CA ALA A 184 -8.64 -9.13 8.64
C ALA A 184 -9.41 -9.30 9.97
N PRO A 185 -10.39 -10.23 10.00
CA PRO A 185 -11.16 -10.49 11.24
C PRO A 185 -10.31 -10.93 12.42
N GLU A 186 -9.25 -11.71 12.17
CA GLU A 186 -8.39 -12.20 13.24
C GLU A 186 -7.63 -11.07 13.97
N VAL A 187 -7.40 -9.94 13.31
CA VAL A 187 -6.74 -8.80 13.96
C VAL A 187 -7.56 -8.33 15.18
N VAL A 188 -8.88 -8.42 15.08
CA VAL A 188 -9.74 -8.08 16.21
C VAL A 188 -10.16 -9.28 17.07
N THR A 189 -10.24 -10.47 16.48
CA THR A 189 -10.79 -11.62 17.22
C THR A 189 -9.71 -12.37 17.98
N ARG A 190 -8.45 -12.17 17.60
CA ARG A 190 -7.32 -12.80 18.27
C ARG A 190 -6.19 -11.79 18.52
N LYS A 191 -5.13 -12.25 19.17
CA LYS A 191 -3.94 -11.44 19.35
C LYS A 191 -2.72 -12.13 18.73
N ALA A 192 -2.92 -12.65 17.52
CA ALA A 192 -1.84 -13.25 16.73
C ALA A 192 -2.24 -13.28 15.27
N TYR A 193 -1.57 -12.46 14.47
CA TYR A 193 -1.82 -12.45 13.03
C TYR A 193 -0.50 -12.43 12.24
N GLY A 194 -0.53 -12.99 11.04
CA GLY A 194 0.66 -13.05 10.20
C GLY A 194 0.49 -12.32 8.88
N PRO A 195 1.37 -12.61 7.91
CA PRO A 195 1.38 -11.99 6.59
C PRO A 195 0.06 -12.07 5.83
N LYS A 196 -0.75 -13.08 6.14
CA LYS A 196 -2.00 -13.29 5.44
C LYS A 196 -3.08 -12.25 5.72
N VAL A 197 -2.81 -11.34 6.66
CA VAL A 197 -3.66 -10.15 6.79
C VAL A 197 -3.63 -9.30 5.53
N ASP A 198 -2.51 -9.26 4.82
CA ASP A 198 -2.40 -8.45 3.62
C ASP A 198 -3.20 -9.12 2.51
N ILE A 199 -3.37 -10.42 2.63
CA ILE A 199 -4.11 -11.18 1.63
C ILE A 199 -5.59 -10.86 1.78
N TRP A 200 -6.08 -10.91 3.01
CA TRP A 200 -7.43 -10.44 3.33
C TRP A 200 -7.63 -9.04 2.79
N SER A 201 -6.73 -8.12 3.14
CA SER A 201 -6.82 -6.73 2.69
C SER A 201 -6.87 -6.60 1.18
N LEU A 202 -6.07 -7.39 0.47
CA LEU A 202 -6.14 -7.46 -0.98
C LEU A 202 -7.53 -7.89 -1.49
N GLY A 203 -8.18 -8.82 -0.76
CA GLY A 203 -9.53 -9.24 -1.14
C GLY A 203 -10.57 -8.14 -1.04
N ILE A 204 -10.48 -7.34 0.02
CA ILE A 204 -11.39 -6.20 0.18
C ILE A 204 -11.13 -5.12 -0.90
N MET A 205 -9.87 -4.95 -1.27
CA MET A 205 -9.48 -4.10 -2.40
C MET A 205 -10.05 -4.59 -3.74
N ALA A 206 -10.03 -5.91 -3.99
CA ALA A 206 -10.74 -6.46 -5.17
C ALA A 206 -12.24 -6.17 -5.09
N ILE A 207 -12.79 -6.20 -3.88
CA ILE A 207 -14.19 -5.78 -3.68
C ILE A 207 -14.36 -4.29 -4.04
N GLU A 208 -13.47 -3.43 -3.56
CA GLU A 208 -13.47 -2.03 -4.00
C GLU A 208 -13.55 -1.91 -5.53
N MET A 209 -12.75 -2.73 -6.21
CA MET A 209 -12.59 -2.68 -7.65
C MET A 209 -13.83 -3.13 -8.38
N ILE A 210 -14.65 -3.93 -7.70
CA ILE A 210 -15.94 -4.42 -8.19
C ILE A 210 -17.09 -3.47 -7.86
N GLU A 211 -17.15 -3.05 -6.60
CA GLU A 211 -18.31 -2.31 -6.06
C GLU A 211 -18.04 -0.82 -5.85
N GLY A 212 -16.77 -0.42 -5.87
CA GLY A 212 -16.42 0.98 -5.75
C GLY A 212 -16.17 1.40 -4.32
N GLU A 213 -16.42 0.49 -3.39
CA GLU A 213 -16.29 0.70 -1.95
C GLU A 213 -15.96 -0.62 -1.25
N PRO A 214 -15.25 -0.57 -0.10
CA PRO A 214 -15.11 -1.77 0.74
C PRO A 214 -16.46 -2.06 1.44
N PRO A 215 -16.64 -3.28 1.97
CA PRO A 215 -17.88 -3.44 2.74
C PRO A 215 -17.88 -2.55 3.99
N TYR A 216 -19.05 -2.03 4.36
CA TYR A 216 -19.26 -1.18 5.55
C TYR A 216 -18.64 0.22 5.48
N LEU A 217 -18.33 0.71 4.27
CA LEU A 217 -17.67 2.01 4.18
C LEU A 217 -18.45 3.07 4.98
N ASN A 218 -19.78 3.02 4.88
CA ASN A 218 -20.67 4.03 5.46
C ASN A 218 -21.03 3.80 6.95
N GLU A 219 -20.35 2.86 7.59
CA GLU A 219 -20.48 2.65 9.02
C GLU A 219 -19.37 3.38 9.74
N ASN A 220 -19.61 3.71 11.01
CA ASN A 220 -18.55 4.14 11.90
C ASN A 220 -17.45 3.09 11.92
N PRO A 221 -16.18 3.52 11.87
CA PRO A 221 -15.04 2.60 11.86
C PRO A 221 -15.03 1.60 13.00
N LEU A 222 -15.51 2.03 14.18
CA LEU A 222 -15.61 1.19 15.36
C LEU A 222 -16.61 0.04 15.17
N ARG A 223 -17.74 0.34 14.52
CA ARG A 223 -18.78 -0.66 14.25
C ARG A 223 -18.41 -1.61 13.09
N ALA A 224 -17.56 -1.14 12.18
CA ALA A 224 -17.09 -1.97 11.06
C ALA A 224 -16.30 -3.20 11.53
N LEU A 225 -15.41 -3.00 12.49
CA LEU A 225 -14.62 -4.11 13.04
C LEU A 225 -15.46 -5.14 13.77
N TYR A 226 -16.53 -4.68 14.41
CA TYR A 226 -17.47 -5.61 15.03
C TYR A 226 -18.20 -6.40 13.95
N LEU A 227 -18.56 -5.73 12.84
CA LEU A 227 -19.26 -6.40 11.73
C LEU A 227 -18.36 -7.38 10.96
N ILE A 228 -17.14 -6.95 10.65
CA ILE A 228 -16.14 -7.84 10.06
C ILE A 228 -16.00 -9.10 10.94
N ALA A 229 -15.71 -8.89 12.23
CA ALA A 229 -15.55 -9.94 13.23
C ALA A 229 -16.73 -10.89 13.40
N THR A 230 -17.95 -10.41 13.17
CA THR A 230 -19.15 -11.22 13.42
C THR A 230 -19.83 -11.74 12.15
N ASN A 231 -19.53 -11.13 11.00
CA ASN A 231 -20.06 -11.58 9.72
C ASN A 231 -19.05 -12.42 8.93
N GLY A 232 -17.76 -12.26 9.25
CA GLY A 232 -16.73 -12.96 8.53
C GLY A 232 -16.61 -12.54 7.08
N THR A 233 -16.66 -13.53 6.18
CA THR A 233 -16.46 -13.31 4.73
C THR A 233 -17.55 -12.41 4.18
N PRO A 234 -17.18 -11.22 3.68
CA PRO A 234 -18.18 -10.27 3.22
C PRO A 234 -18.90 -10.79 2.00
N GLU A 235 -20.16 -10.41 1.85
CA GLU A 235 -20.98 -10.86 0.76
C GLU A 235 -20.91 -9.80 -0.34
N LEU A 236 -20.94 -10.25 -1.59
CA LEU A 236 -21.00 -9.36 -2.74
C LEU A 236 -22.46 -8.98 -3.01
N GLN A 237 -22.69 -7.73 -3.38
CA GLN A 237 -24.02 -7.31 -3.82
C GLN A 237 -24.55 -8.18 -4.98
N ASN A 238 -23.73 -8.39 -6.01
CA ASN A 238 -24.14 -9.18 -7.19
C ASN A 238 -23.11 -10.22 -7.64
N PRO A 239 -23.02 -11.36 -6.92
CA PRO A 239 -21.94 -12.33 -7.18
C PRO A 239 -22.06 -12.94 -8.56
N GLU A 240 -23.29 -13.09 -9.05
CA GLU A 240 -23.57 -13.68 -10.36
C GLU A 240 -23.00 -12.90 -11.58
N LYS A 241 -22.68 -11.63 -11.40
CA LYS A 241 -22.09 -10.82 -12.47
C LYS A 241 -20.59 -11.11 -12.66
N LEU A 242 -19.96 -11.71 -11.64
CA LEU A 242 -18.55 -12.10 -11.73
C LEU A 242 -18.35 -13.51 -12.29
N SER A 243 -17.30 -13.70 -13.10
CA SER A 243 -16.93 -15.05 -13.54
C SER A 243 -16.71 -15.97 -12.34
N ALA A 244 -16.81 -17.28 -12.55
CA ALA A 244 -16.60 -18.26 -11.49
C ALA A 244 -15.16 -18.25 -10.90
N ILE A 245 -14.18 -18.00 -11.74
CA ILE A 245 -12.78 -18.07 -11.33
C ILE A 245 -12.40 -16.83 -10.52
N PHE A 246 -13.04 -15.70 -10.84
CA PHE A 246 -12.94 -14.49 -10.04
C PHE A 246 -13.55 -14.69 -8.65
N ARG A 247 -14.78 -15.20 -8.59
CA ARG A 247 -15.38 -15.55 -7.30
C ARG A 247 -14.48 -16.48 -6.49
N ASP A 248 -13.86 -17.45 -7.16
CA ASP A 248 -12.97 -18.40 -6.50
C ASP A 248 -11.77 -17.70 -5.88
N PHE A 249 -11.15 -16.85 -6.67
CA PHE A 249 -10.03 -16.04 -6.21
C PHE A 249 -10.39 -15.22 -4.98
N LEU A 250 -11.58 -14.61 -5.01
CA LEU A 250 -12.09 -13.83 -3.88
C LEU A 250 -12.29 -14.68 -2.64
N ASN A 251 -12.94 -15.85 -2.80
CA ASN A 251 -13.07 -16.81 -1.72
C ASN A 251 -11.73 -17.22 -1.13
N ARG A 252 -10.70 -17.33 -1.97
CA ARG A 252 -9.37 -17.67 -1.48
C ARG A 252 -8.70 -16.51 -0.70
N CYS A 253 -8.97 -15.27 -1.09
CA CYS A 253 -8.44 -14.10 -0.36
C CYS A 253 -9.16 -13.80 0.96
N LEU A 254 -10.48 -14.05 0.98
CA LEU A 254 -11.34 -13.67 2.10
C LEU A 254 -11.79 -14.86 2.92
N GLU A 255 -11.02 -15.94 2.81
CA GLU A 255 -11.21 -17.11 3.62
C GLU A 255 -11.01 -16.75 5.10
N MET A 256 -11.92 -17.25 5.95
CA MET A 256 -11.92 -16.98 7.40
C MET A 256 -10.86 -17.78 8.14
N ASP A 257 -10.62 -19.00 7.69
CA ASP A 257 -9.56 -19.82 8.23
C ASP A 257 -8.23 -19.36 7.61
N VAL A 258 -7.37 -18.75 8.43
CA VAL A 258 -6.07 -18.25 8.01
C VAL A 258 -5.23 -19.32 7.31
N GLU A 259 -5.19 -20.51 7.88
CA GLU A 259 -4.53 -21.65 7.24
C GLU A 259 -5.09 -21.97 5.84
N LYS A 260 -6.41 -21.91 5.67
CA LYS A 260 -7.06 -22.08 4.37
C LYS A 260 -6.83 -20.90 3.40
N ARG A 261 -6.75 -19.67 3.93
CA ARG A 261 -6.56 -18.48 3.11
C ARG A 261 -5.27 -18.64 2.31
N GLY A 262 -5.32 -18.27 1.03
CA GLY A 262 -4.15 -18.42 0.15
C GLY A 262 -3.04 -17.50 0.62
N SER A 263 -1.80 -17.95 0.47
CA SER A 263 -0.66 -17.07 0.63
C SER A 263 -0.45 -16.30 -0.68
N ALA A 264 0.40 -15.29 -0.69
CA ALA A 264 0.68 -14.55 -1.92
C ALA A 264 1.27 -15.46 -3.00
N LYS A 265 2.25 -16.26 -2.61
CA LYS A 265 2.91 -17.23 -3.46
C LYS A 265 1.92 -18.19 -4.16
N GLU A 266 0.93 -18.69 -3.40
CA GLU A 266 -0.12 -19.56 -3.93
C GLU A 266 -1.08 -18.84 -4.86
N LEU A 267 -1.49 -17.64 -4.46
CA LEU A 267 -2.41 -16.87 -5.27
C LEU A 267 -1.82 -16.39 -6.59
N LEU A 268 -0.49 -16.20 -6.65
CA LEU A 268 0.16 -15.89 -7.93
C LEU A 268 -0.04 -16.99 -8.99
N GLN A 269 -0.41 -18.19 -8.51
CA GLN A 269 -0.65 -19.35 -9.39
C GLN A 269 -2.11 -19.45 -9.86
N HIS A 270 -2.97 -18.61 -9.29
CA HIS A 270 -4.42 -18.73 -9.46
C HIS A 270 -4.81 -18.38 -10.89
N GLN A 271 -5.76 -19.14 -11.45
CA GLN A 271 -6.15 -18.95 -12.85
C GLN A 271 -6.86 -17.62 -13.11
N PHE A 272 -7.39 -17.00 -12.06
CA PHE A 272 -8.02 -15.70 -12.24
C PHE A 272 -7.01 -14.70 -12.82
N LEU A 273 -5.77 -14.79 -12.34
CA LEU A 273 -4.70 -13.87 -12.76
C LEU A 273 -4.29 -14.07 -14.19
N LYS A 274 -4.55 -15.28 -14.72
CA LYS A 274 -4.20 -15.57 -16.13
C LYS A 274 -5.11 -14.89 -17.16
N ILE A 275 -6.19 -14.26 -16.71
CA ILE A 275 -6.98 -13.44 -17.63
C ILE A 275 -6.50 -11.98 -17.63
N ALA A 276 -5.46 -11.68 -16.84
CA ALA A 276 -4.94 -10.32 -16.75
C ALA A 276 -4.78 -9.68 -18.11
N LYS A 277 -5.27 -8.46 -18.25
CA LYS A 277 -4.95 -7.70 -19.45
C LYS A 277 -3.58 -7.06 -19.31
N PRO A 278 -2.96 -6.72 -20.45
CA PRO A 278 -1.76 -5.90 -20.39
C PRO A 278 -2.01 -4.70 -19.47
N LEU A 279 -1.05 -4.39 -18.63
CA LEU A 279 -1.10 -3.18 -17.78
C LEU A 279 -1.50 -1.91 -18.52
N SER A 280 -1.14 -1.81 -19.80
CA SER A 280 -1.46 -0.62 -20.59
C SER A 280 -2.97 -0.45 -20.75
N SER A 281 -3.73 -1.53 -20.59
CA SER A 281 -5.19 -1.45 -20.65
C SER A 281 -5.79 -0.57 -19.52
N LEU A 282 -5.00 -0.32 -18.47
CA LEU A 282 -5.39 0.54 -17.34
C LEU A 282 -5.30 2.03 -17.66
N THR A 283 -4.50 2.38 -18.68
CA THR A 283 -4.20 3.80 -19.00
C THR A 283 -5.45 4.70 -19.28
N PRO A 284 -6.45 4.25 -20.06
CA PRO A 284 -7.66 5.10 -20.19
C PRO A 284 -8.46 5.34 -18.89
N LEU A 285 -8.46 4.36 -17.98
CA LEU A 285 -9.10 4.48 -16.68
C LEU A 285 -8.32 5.44 -15.79
N ILE A 286 -7.01 5.35 -15.84
CA ILE A 286 -6.14 6.27 -15.12
C ILE A 286 -6.38 7.70 -15.62
N ALA A 287 -6.40 7.86 -16.95
CA ALA A 287 -6.62 9.17 -17.55
C ALA A 287 -7.97 9.77 -17.17
N ALA A 288 -9.03 8.96 -17.24
CA ALA A 288 -10.39 9.39 -16.90
C ALA A 288 -10.52 9.74 -15.43
N ALA A 289 -9.96 8.91 -14.55
CA ALA A 289 -9.94 9.21 -13.11
C ALA A 289 -9.19 10.51 -12.80
N LYS A 290 -8.10 10.77 -13.52
CA LYS A 290 -7.25 11.94 -13.29
C LYS A 290 -8.03 13.18 -13.71
N GLU A 291 -8.60 13.12 -14.90
CA GLU A 291 -9.50 14.15 -15.41
C GLU A 291 -10.67 14.43 -14.44
N ALA A 292 -11.32 13.38 -13.95
CA ALA A 292 -12.42 13.51 -12.99
C ALA A 292 -11.96 14.01 -11.61
N THR A 293 -10.69 13.74 -11.26
CA THR A 293 -10.05 14.05 -9.97
C THR A 293 -10.74 13.39 -8.79
O11 DW1 B . 0.85 15.14 -1.94
C10 DW1 B . 0.37 14.11 -1.79
RU DW1 B . -0.42 12.47 -1.43
C12 DW1 B . -2.58 12.83 -1.36
C13 DW1 B . -1.97 13.40 -0.21
C14 DW1 B . -1.41 12.37 0.55
C16 DW1 B . -1.68 11.17 -0.11
C17 DW1 B . -2.40 11.45 -1.28
N20 DW1 B . 1.43 11.69 -0.66
C6 DW1 B . 1.91 11.72 0.61
C5 DW1 B . 3.17 11.14 0.87
C4 DW1 B . 3.95 10.51 -0.12
N18 DW1 B . 0.51 11.62 -3.15
C22 DW1 B . 0.22 11.48 -4.41
C27 DW1 B . 1.26 10.80 -5.07
C26 DW1 B . 1.20 10.52 -6.44
C25 DW1 B . 0.08 10.93 -7.19
C24 DW1 B . -0.96 11.61 -6.52
C23 DW1 B . -0.90 11.90 -5.15
O15 DW1 B . -0.04 10.70 -8.53
C28 DW1 B . 2.23 10.53 -4.02
C21 DW1 B . 1.63 11.08 -2.91
C7 DW1 B . 2.20 11.08 -1.64
C3 DW1 B . 3.46 10.48 -1.43
C29 DW1 B . 3.48 9.92 -3.85
C2 DW1 B . 4.08 9.90 -2.57
C30 DW1 B . 4.36 9.27 -4.74
O8 DW1 B . 4.23 9.09 -5.92
N19 DW1 B . 5.46 8.86 -4.06
C1 DW1 B . 5.31 9.23 -2.74
O9 DW1 B . 6.13 9.00 -1.89
#